data_5ZO2
#
_entry.id   5ZO2
#
_cell.length_a   207.483
_cell.length_b   207.483
_cell.length_c   52.937
_cell.angle_alpha   90.00
_cell.angle_beta   90.00
_cell.angle_gamma   120.00
#
_symmetry.space_group_name_H-M   'P 3 2 1'
#
loop_
_entity.id
_entity.type
_entity.pdbx_description
1 polymer 'Cell adhesion molecule 4'
2 polymer 'Cell adhesion molecule 3'
3 branched 2-acetamido-2-deoxy-beta-D-glucopyranose-(1-4)-[alpha-L-fucopyranose-(1-6)]2-acetamido-2-deoxy-beta-D-glucopyranose
#
loop_
_entity_poly.entity_id
_entity_poly.type
_entity_poly.pdbx_seq_one_letter_code
_entity_poly.pdbx_strand_id
1 'polypeptide(L)'
;QEVQTEQVTVAEGGVAEITCRLHQYDGSIVVIQNPARQTLFFNGTRALKDERFQLEEFSPRRVRIRLSDARLEDEGGYFC
QLYTEDTHHQIATLTVLVAPENPVVEVREQAVEGGEVELSCLVPRSRPAAVLRWYRDRKELKGVSSGQENGKVWSVASTV
RFRVDRKDDGGIVICEAQNQALPSGHSKQTQYVLDVQYSPTARIHASQAVVREGDTLVLTCAVTGNPRPNQIRWNRGQES
LPERAEAVGETLTLPGLVSADQGTYTCEAANKHGHARALYVLVVYDPGAVVEAHHHHHH
;
A,C
2 'polypeptide(L)'
;GSGMKETAAAKFERQHMDSPDLGTDDDDKAMADIGSNLSQDDSQPWTSDETVVAGGTVVLKCQVKDHEDSSLQWSNPAQQ
TLYFGEKRALRDNRIQLVSSTPHELSISISNVALADEGEYTCSIFTMPVRTAKSLVTVLGIPQKPII
;
B
#
loop_
_chem_comp.id
_chem_comp.type
_chem_comp.name
_chem_comp.formula
FUC L-saccharide, alpha linking alpha-L-fucopyranose 'C6 H12 O5'
NAG D-saccharide, beta linking 2-acetamido-2-deoxy-beta-D-glucopyranose 'C8 H15 N O6'
#
# COMPACT_ATOMS: atom_id res chain seq x y z
N LEU A 97 23.12 -6.70 -2.28
CA LEU A 97 21.78 -6.17 -2.53
C LEU A 97 21.65 -5.55 -3.91
N VAL A 98 20.41 -5.40 -4.38
CA VAL A 98 20.13 -4.86 -5.70
C VAL A 98 19.46 -3.52 -5.55
N ALA A 99 19.90 -2.59 -6.31
CA ALA A 99 19.34 -1.26 -6.33
C ALA A 99 18.28 -1.16 -7.43
N PRO A 100 17.25 -0.35 -7.21
CA PRO A 100 16.22 -0.17 -8.23
C PRO A 100 16.67 0.88 -9.25
N GLU A 101 16.66 0.50 -10.52
CA GLU A 101 16.98 1.45 -11.57
C GLU A 101 15.85 2.49 -11.64
N ASN A 102 15.77 3.23 -12.72
CA ASN A 102 14.72 4.23 -12.82
C ASN A 102 13.39 3.55 -13.10
N PRO A 103 12.34 3.88 -12.36
CA PRO A 103 11.03 3.31 -12.64
C PRO A 103 10.60 3.54 -14.08
N VAL A 104 10.07 2.49 -14.70
CA VAL A 104 9.40 2.62 -15.99
C VAL A 104 7.95 2.97 -15.70
N VAL A 105 7.54 4.17 -16.12
CA VAL A 105 6.15 4.61 -16.02
C VAL A 105 5.54 4.55 -17.41
N GLU A 106 4.44 3.83 -17.53
CA GLU A 106 3.65 3.71 -18.73
C GLU A 106 2.23 4.15 -18.42
N VAL A 107 1.46 4.37 -19.47
CA VAL A 107 0.02 4.57 -19.33
C VAL A 107 -0.67 3.54 -20.21
N ARG A 108 -1.65 2.84 -19.64
CA ARG A 108 -2.31 1.79 -20.39
C ARG A 108 -3.17 2.39 -21.50
N GLU A 109 -4.16 3.19 -21.14
CA GLU A 109 -5.10 3.79 -22.08
C GLU A 109 -4.91 5.30 -22.14
N GLN A 110 -5.04 5.87 -23.33
CA GLN A 110 -5.00 7.32 -23.49
C GLN A 110 -6.03 7.97 -22.60
N ALA A 111 -5.60 8.93 -21.79
CA ALA A 111 -6.51 9.60 -20.87
C ALA A 111 -7.44 10.54 -21.63
N VAL A 112 -8.52 10.93 -20.98
CA VAL A 112 -9.51 11.79 -21.61
C VAL A 112 -10.22 12.57 -20.53
N GLU A 113 -10.36 13.87 -20.74
CA GLU A 113 -11.08 14.72 -19.83
C GLU A 113 -12.43 14.13 -19.49
N GLY A 114 -12.84 14.33 -18.25
CA GLY A 114 -14.04 13.76 -17.69
C GLY A 114 -13.79 12.35 -17.20
N GLY A 115 -12.88 11.63 -17.84
CA GLY A 115 -12.55 10.26 -17.50
C GLY A 115 -11.45 10.14 -16.48
N GLU A 116 -10.72 9.02 -16.56
CA GLU A 116 -9.65 8.67 -15.62
C GLU A 116 -8.39 8.31 -16.37
N VAL A 117 -7.28 8.36 -15.65
CA VAL A 117 -6.00 7.94 -16.18
C VAL A 117 -5.44 6.90 -15.23
N GLU A 118 -4.80 5.87 -15.76
CA GLU A 118 -4.20 4.81 -14.95
C GLU A 118 -2.73 4.68 -15.28
N LEU A 119 -1.90 4.90 -14.29
CA LEU A 119 -0.46 4.87 -14.45
C LEU A 119 0.08 3.58 -13.87
N SER A 120 1.06 3.00 -14.55
CA SER A 120 1.78 1.83 -14.07
C SER A 120 3.26 2.17 -13.98
N CYS A 121 3.86 1.87 -12.82
CA CYS A 121 5.26 2.17 -12.55
C CYS A 121 5.97 0.87 -12.24
N LEU A 122 7.03 0.56 -12.98
CA LEU A 122 7.64 -0.75 -12.93
C LEU A 122 9.11 -0.65 -12.56
N VAL A 123 9.55 -1.44 -11.62
CA VAL A 123 10.96 -1.62 -11.30
C VAL A 123 11.29 -3.09 -11.48
N PRO A 124 11.89 -3.48 -12.61
CA PRO A 124 12.02 -4.91 -12.93
C PRO A 124 12.93 -5.71 -12.00
N ARG A 125 13.82 -5.05 -11.24
CA ARG A 125 14.80 -5.74 -10.40
C ARG A 125 15.05 -4.93 -9.14
N SER A 126 14.81 -5.54 -7.98
CA SER A 126 15.25 -4.92 -6.74
C SER A 126 15.31 -5.99 -5.66
N ARG A 127 16.42 -6.00 -4.93
CA ARG A 127 16.62 -6.87 -3.79
C ARG A 127 17.30 -6.08 -2.70
N PRO A 128 16.53 -5.71 -1.66
CA PRO A 128 15.13 -6.04 -1.42
C PRO A 128 14.08 -5.41 -2.33
N ALA A 129 12.83 -5.71 -2.02
CA ALA A 129 11.70 -5.22 -2.80
C ALA A 129 11.64 -3.71 -2.71
N ALA A 130 11.66 -3.04 -3.87
CA ALA A 130 11.64 -1.60 -3.92
C ALA A 130 10.27 -1.05 -3.51
N VAL A 131 10.29 0.05 -2.75
CA VAL A 131 9.07 0.69 -2.25
C VAL A 131 8.71 1.82 -3.20
N LEU A 132 7.61 1.66 -3.93
CA LEU A 132 7.20 2.58 -4.98
C LEU A 132 6.23 3.62 -4.43
N ARG A 133 6.58 4.90 -4.58
CA ARG A 133 5.77 6.01 -4.12
C ARG A 133 5.35 6.89 -5.30
N TRP A 134 4.08 7.27 -5.31
CA TRP A 134 3.56 8.20 -6.29
C TRP A 134 3.51 9.62 -5.72
N TYR A 135 3.93 10.59 -6.54
CA TYR A 135 3.88 12.00 -6.18
C TYR A 135 3.37 12.81 -7.35
N ARG A 136 2.39 13.67 -7.07
CA ARG A 136 1.73 14.52 -8.07
C ARG A 136 2.13 15.95 -7.77
N ASP A 137 3.15 16.42 -8.47
CA ASP A 137 3.76 17.72 -8.21
C ASP A 137 4.25 17.72 -6.78
N ARG A 138 3.50 18.31 -5.84
CA ARG A 138 3.91 18.39 -4.46
C ARG A 138 3.39 17.23 -3.62
N LYS A 139 2.11 16.88 -3.81
CA LYS A 139 1.43 15.97 -2.90
C LYS A 139 1.76 14.50 -3.21
N GLU A 140 1.27 13.61 -2.34
CA GLU A 140 1.53 12.18 -2.40
C GLU A 140 0.28 11.42 -2.85
N LEU A 141 0.42 10.66 -3.93
CA LEU A 141 -0.67 9.83 -4.44
C LEU A 141 -0.54 8.40 -3.95
N LYS A 142 -1.69 7.73 -3.80
CA LYS A 142 -1.76 6.38 -3.25
C LYS A 142 -1.99 5.37 -4.38
N GLY A 143 -1.02 4.47 -4.55
CA GLY A 143 -1.12 3.38 -5.49
C GLY A 143 -1.24 2.04 -4.79
N VAL A 144 -1.19 0.98 -5.59
CA VAL A 144 -1.33 -0.38 -5.08
C VAL A 144 -0.27 -1.25 -5.75
N SER A 145 0.74 -1.65 -4.99
CA SER A 145 1.85 -2.45 -5.50
C SER A 145 1.51 -3.94 -5.51
N SER A 146 2.37 -4.70 -6.22
CA SER A 146 2.22 -6.14 -6.34
C SER A 146 3.45 -6.70 -7.05
N GLY A 147 4.29 -7.41 -6.31
CA GLY A 147 5.54 -7.91 -6.85
C GLY A 147 5.49 -9.37 -7.21
N GLN A 148 6.67 -9.90 -7.51
CA GLN A 148 6.88 -11.31 -7.78
C GLN A 148 8.37 -11.59 -7.83
N GLU A 149 8.87 -12.33 -6.85
CA GLU A 149 10.27 -12.70 -6.78
C GLU A 149 10.56 -13.73 -7.87
N ASN A 150 11.29 -13.31 -8.89
CA ASN A 150 11.79 -14.23 -9.90
C ASN A 150 13.22 -14.58 -9.51
N GLY A 151 13.33 -15.51 -8.57
CA GLY A 151 14.63 -15.93 -8.10
C GLY A 151 15.09 -15.16 -6.88
N LYS A 152 16.20 -14.43 -7.01
CA LYS A 152 16.66 -13.58 -5.91
C LYS A 152 16.04 -12.20 -5.95
N VAL A 153 15.65 -11.72 -7.13
CA VAL A 153 15.20 -10.36 -7.32
C VAL A 153 13.69 -10.34 -7.48
N TRP A 154 13.13 -9.13 -7.56
CA TRP A 154 11.70 -8.91 -7.73
C TRP A 154 11.45 -7.97 -8.90
N SER A 155 10.22 -8.01 -9.40
CA SER A 155 9.75 -6.96 -10.31
C SER A 155 8.55 -6.34 -9.62
N VAL A 156 8.84 -5.44 -8.69
CA VAL A 156 7.80 -4.63 -8.06
C VAL A 156 7.13 -3.74 -9.12
N ALA A 157 5.86 -3.41 -8.89
CA ALA A 157 5.14 -2.55 -9.81
C ALA A 157 3.89 -2.02 -9.12
N SER A 158 3.59 -0.73 -9.34
CA SER A 158 2.49 -0.05 -8.69
C SER A 158 1.62 0.65 -9.71
N THR A 159 0.43 1.05 -9.28
CA THR A 159 -0.57 1.53 -10.22
C THR A 159 -1.53 2.48 -9.51
N VAL A 160 -1.77 3.63 -10.11
CA VAL A 160 -2.66 4.65 -9.56
C VAL A 160 -3.62 5.08 -10.65
N ARG A 161 -4.82 5.46 -10.25
CA ARG A 161 -5.87 5.71 -11.23
C ARG A 161 -6.76 6.81 -10.70
N PHE A 162 -6.56 8.03 -11.20
CA PHE A 162 -7.35 9.18 -10.80
C PHE A 162 -7.98 9.84 -12.02
N ARG A 163 -8.83 10.81 -11.72
CA ARG A 163 -9.56 11.54 -12.75
C ARG A 163 -8.71 12.65 -13.32
N VAL A 164 -8.99 13.01 -14.57
CA VAL A 164 -8.30 14.06 -15.29
C VAL A 164 -9.33 14.87 -16.06
N ASP A 165 -9.16 16.18 -16.05
CA ASP A 165 -9.82 17.09 -16.97
C ASP A 165 -8.73 17.85 -17.73
N ARG A 166 -9.14 18.62 -18.73
CA ARG A 166 -8.18 19.30 -19.61
C ARG A 166 -7.05 19.99 -18.85
N LYS A 167 -7.33 20.52 -17.66
CA LYS A 167 -6.32 21.25 -16.91
C LYS A 167 -5.12 20.38 -16.59
N ASP A 168 -5.34 19.07 -16.40
CA ASP A 168 -4.26 18.16 -16.06
C ASP A 168 -3.39 17.82 -17.26
N ASP A 169 -3.80 18.18 -18.47
CA ASP A 169 -2.98 17.90 -19.64
C ASP A 169 -1.57 18.38 -19.40
N GLY A 170 -0.61 17.61 -19.88
CA GLY A 170 0.79 17.96 -19.79
C GLY A 170 1.27 18.15 -18.37
N GLY A 171 0.41 17.81 -17.42
CA GLY A 171 0.76 17.82 -16.02
C GLY A 171 1.91 16.91 -15.64
N ILE A 172 2.31 16.93 -14.38
CA ILE A 172 3.57 16.29 -14.00
C ILE A 172 3.30 15.27 -12.91
N VAL A 173 3.89 14.07 -13.06
CA VAL A 173 3.71 12.98 -12.11
C VAL A 173 5.04 12.27 -11.88
N ILE A 174 5.27 11.87 -10.63
CA ILE A 174 6.56 11.34 -10.16
C ILE A 174 6.33 9.96 -9.56
N CYS A 175 7.17 8.98 -9.94
CA CYS A 175 7.23 7.67 -9.28
C CYS A 175 8.59 7.52 -8.63
N GLU A 176 8.57 7.19 -7.34
CA GLU A 176 9.76 7.26 -6.48
C GLU A 176 10.02 5.89 -5.86
N ALA A 177 11.12 5.26 -6.27
CA ALA A 177 11.44 3.90 -5.86
C ALA A 177 12.50 3.91 -4.75
N GLN A 178 12.13 3.46 -3.56
CA GLN A 178 13.08 3.26 -2.48
C GLN A 178 13.57 1.81 -2.48
N ASN A 179 14.36 1.46 -1.46
CA ASN A 179 15.06 0.18 -1.40
C ASN A 179 15.91 0.16 -0.14
N GLN A 180 16.73 -0.89 0.04
CA GLN A 180 17.81 -0.84 1.00
C GLN A 180 19.16 -0.64 0.34
N ALA A 181 19.29 -0.98 -0.95
CA ALA A 181 20.54 -0.78 -1.68
C ALA A 181 20.75 0.68 -2.10
N LEU A 182 19.99 1.62 -1.51
CA LEU A 182 20.08 3.03 -1.81
C LEU A 182 20.37 3.84 -0.55
N PRO A 183 21.24 4.86 -0.65
CA PRO A 183 21.52 5.72 0.49
C PRO A 183 20.27 6.36 1.07
N SER A 184 20.44 6.96 2.24
CA SER A 184 19.33 7.42 3.07
C SER A 184 18.71 8.69 2.49
N GLY A 185 17.39 8.67 2.31
CA GLY A 185 16.66 9.78 1.75
C GLY A 185 16.72 9.89 0.24
N HIS A 186 17.58 9.13 -0.42
CA HIS A 186 17.71 9.17 -1.87
C HIS A 186 16.79 8.14 -2.52
N SER A 187 16.62 8.29 -3.83
CA SER A 187 15.65 7.47 -4.56
C SER A 187 15.94 7.61 -6.05
N LYS A 188 15.41 6.67 -6.81
CA LYS A 188 15.41 6.75 -8.26
C LYS A 188 14.02 7.24 -8.67
N GLN A 189 13.95 8.51 -9.04
CA GLN A 189 12.67 9.10 -9.43
C GLN A 189 12.51 9.02 -10.94
N THR A 190 11.27 9.23 -11.38
CA THR A 190 10.99 9.33 -12.80
C THR A 190 9.73 10.18 -12.97
N GLN A 191 9.76 11.03 -14.01
CA GLN A 191 8.67 11.93 -14.33
C GLN A 191 7.83 11.33 -15.45
N TYR A 192 6.52 11.48 -15.32
CA TYR A 192 5.62 11.25 -16.43
C TYR A 192 4.85 12.54 -16.65
N VAL A 193 4.48 12.77 -17.92
CA VAL A 193 3.83 13.99 -18.34
C VAL A 193 2.52 13.58 -18.98
N LEU A 194 1.41 13.91 -18.34
CA LEU A 194 0.13 13.41 -18.79
C LEU A 194 -0.16 13.86 -20.21
N ASP A 195 -1.19 13.26 -20.79
CA ASP A 195 -1.56 13.59 -22.13
C ASP A 195 -3.07 13.41 -22.19
N VAL A 196 -3.76 14.26 -21.48
CA VAL A 196 -5.20 14.29 -21.46
C VAL A 196 -5.75 15.00 -22.69
N GLN A 197 -6.78 14.41 -23.29
CA GLN A 197 -7.43 14.99 -24.45
C GLN A 197 -8.72 15.66 -24.03
N TYR A 198 -9.25 16.49 -24.91
CA TYR A 198 -10.45 17.22 -24.57
C TYR A 198 -11.06 17.83 -25.82
N SER A 199 -12.25 18.38 -25.64
CA SER A 199 -13.00 19.01 -26.71
C SER A 199 -12.40 20.38 -27.01
N PRO A 200 -12.23 20.71 -28.27
CA PRO A 200 -11.56 21.96 -28.59
C PRO A 200 -12.52 23.09 -28.29
N THR A 201 -11.92 24.27 -28.16
CA THR A 201 -12.65 25.52 -28.00
C THR A 201 -12.12 26.49 -29.04
N ALA A 202 -12.96 27.45 -29.43
CA ALA A 202 -12.54 28.49 -30.34
C ALA A 202 -12.98 29.84 -29.82
N ARG A 203 -12.17 30.85 -30.12
CA ARG A 203 -12.42 32.23 -29.72
C ARG A 203 -11.70 33.12 -30.72
N ILE A 204 -12.38 34.12 -31.25
CA ILE A 204 -11.87 34.96 -32.33
C ILE A 204 -11.32 36.26 -31.76
N HIS A 205 -10.11 36.60 -32.15
CA HIS A 205 -9.51 37.89 -31.87
C HIS A 205 -9.42 38.67 -33.17
N ALA A 206 -9.70 39.96 -33.11
CA ALA A 206 -9.53 40.80 -34.28
C ALA A 206 -8.20 41.50 -34.20
N SER A 207 -7.87 42.18 -35.28
CA SER A 207 -6.63 42.91 -35.34
C SER A 207 -6.84 44.37 -35.07
N GLN A 208 -8.08 44.75 -34.77
CA GLN A 208 -8.55 46.12 -34.90
C GLN A 208 -9.95 46.26 -34.35
N ALA A 209 -10.18 47.23 -33.48
CA ALA A 209 -11.42 47.27 -32.73
C ALA A 209 -12.55 47.91 -33.50
N VAL A 210 -12.29 48.93 -34.30
CA VAL A 210 -13.29 49.54 -35.15
C VAL A 210 -12.82 49.43 -36.59
N VAL A 211 -13.73 49.02 -37.46
CA VAL A 211 -13.44 48.92 -38.89
C VAL A 211 -14.15 50.06 -39.62
N ARG A 212 -13.39 50.81 -40.41
CA ARG A 212 -13.95 51.79 -41.32
C ARG A 212 -13.74 51.28 -42.73
N GLU A 213 -14.50 51.82 -43.67
CA GLU A 213 -14.42 51.31 -45.03
C GLU A 213 -13.00 51.36 -45.54
N GLY A 214 -12.68 50.47 -46.45
CA GLY A 214 -11.35 50.42 -47.02
C GLY A 214 -10.32 49.73 -46.18
N ASP A 215 -10.59 49.48 -44.90
CA ASP A 215 -9.60 48.89 -44.03
C ASP A 215 -9.26 47.47 -44.46
N THR A 216 -8.33 46.86 -43.73
CA THR A 216 -7.99 45.45 -43.86
C THR A 216 -7.98 44.86 -42.47
N LEU A 217 -8.71 43.76 -42.28
CA LEU A 217 -8.94 43.17 -40.97
C LEU A 217 -8.44 41.74 -40.96
N VAL A 218 -7.64 41.40 -39.97
CA VAL A 218 -7.18 40.03 -39.77
C VAL A 218 -7.87 39.46 -38.55
N LEU A 219 -8.59 38.36 -38.73
CA LEU A 219 -9.30 37.66 -37.68
C LEU A 219 -8.54 36.41 -37.30
N THR A 220 -8.06 36.35 -36.06
CA THR A 220 -7.36 35.18 -35.55
C THR A 220 -8.36 34.31 -34.81
N CYS A 221 -8.44 33.04 -35.18
CA CYS A 221 -9.32 32.09 -34.50
C CYS A 221 -8.44 31.29 -33.55
N ALA A 222 -8.36 31.72 -32.30
CA ALA A 222 -7.48 31.08 -31.34
C ALA A 222 -8.14 29.82 -30.82
N VAL A 223 -7.67 28.67 -31.28
CA VAL A 223 -8.26 27.37 -30.98
C VAL A 223 -7.33 26.59 -30.06
N THR A 224 -7.90 25.95 -29.04
CA THR A 224 -7.23 24.96 -28.21
C THR A 224 -7.90 23.61 -28.42
N GLY A 225 -7.24 22.56 -28.00
CA GLY A 225 -7.79 21.23 -28.14
C GLY A 225 -6.72 20.19 -28.21
N ASN A 226 -7.12 18.94 -27.96
CA ASN A 226 -6.21 17.82 -27.91
C ASN A 226 -6.90 16.59 -28.43
N PRO A 227 -6.52 16.11 -29.62
CA PRO A 227 -5.54 16.62 -30.58
C PRO A 227 -5.87 17.99 -31.08
N ARG A 228 -4.90 18.73 -31.55
CA ARG A 228 -5.19 20.02 -32.14
C ARG A 228 -6.12 19.82 -33.33
N PRO A 229 -7.20 20.57 -33.46
CA PRO A 229 -8.01 20.47 -34.67
C PRO A 229 -7.18 20.84 -35.89
N ASN A 230 -7.29 20.04 -36.95
CA ASN A 230 -6.42 20.24 -38.10
C ASN A 230 -6.97 21.23 -39.10
N GLN A 231 -8.22 21.64 -38.94
CA GLN A 231 -8.87 22.49 -39.92
C GLN A 231 -9.59 23.59 -39.20
N ILE A 232 -9.19 24.82 -39.48
CA ILE A 232 -9.94 26.01 -39.14
C ILE A 232 -10.80 26.36 -40.36
N ARG A 233 -12.11 26.26 -40.22
CA ARG A 233 -13.01 26.48 -41.33
C ARG A 233 -13.77 27.77 -41.09
N TRP A 234 -13.52 28.75 -41.92
CA TRP A 234 -14.16 30.03 -41.81
C TRP A 234 -15.39 30.07 -42.69
N ASN A 235 -16.41 30.79 -42.23
CA ASN A 235 -17.68 30.74 -42.92
C ASN A 235 -18.48 31.96 -42.56
N ARG A 236 -19.44 32.32 -43.40
CA ARG A 236 -20.24 33.52 -43.22
C ARG A 236 -21.69 33.20 -43.62
N GLY A 237 -22.42 32.55 -42.72
CA GLY A 237 -23.79 32.11 -42.96
C GLY A 237 -23.91 31.13 -44.15
N GLN A 238 -25.10 31.08 -44.73
CA GLN A 238 -25.28 30.35 -45.97
C GLN A 238 -24.55 30.98 -47.14
N GLU A 239 -24.02 32.19 -46.94
CA GLU A 239 -23.47 33.01 -48.01
C GLU A 239 -21.99 32.72 -48.20
N SER A 240 -21.26 33.65 -48.80
CA SER A 240 -19.87 33.43 -49.17
C SER A 240 -19.00 34.56 -48.63
N LEU A 241 -17.73 34.23 -48.44
CA LEU A 241 -16.76 35.18 -47.97
C LEU A 241 -16.45 36.21 -49.05
N PRO A 242 -15.99 37.38 -48.67
CA PRO A 242 -15.57 38.38 -49.65
C PRO A 242 -14.65 37.83 -50.72
N GLU A 243 -14.58 38.50 -51.86
CA GLU A 243 -13.80 38.01 -52.99
C GLU A 243 -12.36 37.76 -52.61
N ARG A 244 -11.69 38.78 -52.08
CA ARG A 244 -10.25 38.77 -51.83
C ARG A 244 -9.88 38.22 -50.47
N ALA A 245 -10.85 37.69 -49.72
CA ALA A 245 -10.56 37.14 -48.40
C ALA A 245 -9.68 35.91 -48.53
N GLU A 246 -8.63 35.84 -47.71
CA GLU A 246 -7.71 34.71 -47.74
C GLU A 246 -7.59 34.11 -46.35
N ALA A 247 -8.12 32.92 -46.18
CA ALA A 247 -8.06 32.21 -44.92
C ALA A 247 -6.80 31.36 -44.90
N VAL A 248 -5.73 31.86 -44.29
CA VAL A 248 -4.47 31.12 -44.28
C VAL A 248 -4.26 30.46 -42.94
N GLY A 249 -4.62 29.21 -42.82
CA GLY A 249 -4.61 28.60 -41.51
C GLY A 249 -5.68 29.16 -40.59
N GLU A 250 -5.25 29.77 -39.49
CA GLU A 250 -6.17 30.16 -38.43
C GLU A 250 -6.44 31.66 -38.41
N THR A 251 -6.01 32.38 -39.44
CA THR A 251 -6.39 33.76 -39.64
C THR A 251 -7.32 33.84 -40.84
N LEU A 252 -8.04 34.95 -40.96
CA LEU A 252 -8.84 35.24 -42.13
C LEU A 252 -8.60 36.71 -42.44
N THR A 253 -7.77 37.01 -43.43
CA THR A 253 -7.55 38.39 -43.80
C THR A 253 -8.65 38.84 -44.74
N LEU A 254 -9.20 40.01 -44.47
CA LEU A 254 -10.24 40.59 -45.31
C LEU A 254 -9.75 41.94 -45.79
N PRO A 255 -9.22 42.05 -47.00
CA PRO A 255 -8.67 43.32 -47.45
C PRO A 255 -9.75 44.25 -47.97
N GLY A 256 -9.40 45.53 -48.03
CA GLY A 256 -10.23 46.56 -48.63
C GLY A 256 -11.70 46.44 -48.33
N LEU A 257 -12.06 46.61 -47.07
CA LEU A 257 -13.42 46.30 -46.66
C LEU A 257 -14.41 47.32 -47.20
N VAL A 258 -15.32 46.86 -48.03
CA VAL A 258 -16.44 47.66 -48.50
C VAL A 258 -17.66 47.35 -47.63
N SER A 259 -18.64 48.26 -47.67
CA SER A 259 -19.73 48.18 -46.72
C SER A 259 -20.62 46.95 -46.90
N ALA A 260 -20.37 46.14 -47.94
CA ALA A 260 -21.16 44.94 -48.19
C ALA A 260 -20.46 43.66 -47.77
N ASP A 261 -19.43 43.78 -46.94
CA ASP A 261 -18.75 42.65 -46.33
C ASP A 261 -19.15 42.47 -44.88
N GLN A 262 -20.23 43.11 -44.46
CA GLN A 262 -20.66 43.09 -43.09
C GLN A 262 -21.29 41.76 -42.72
N GLY A 263 -21.75 41.68 -41.47
CA GLY A 263 -22.41 40.51 -40.95
C GLY A 263 -21.44 39.50 -40.38
N THR A 264 -22.01 38.46 -39.75
CA THR A 264 -21.27 37.58 -38.84
C THR A 264 -20.45 36.53 -39.58
N TYR A 265 -19.16 36.48 -39.25
CA TYR A 265 -18.21 35.48 -39.70
C TYR A 265 -17.98 34.51 -38.57
N THR A 266 -17.88 33.22 -38.87
CA THR A 266 -17.59 32.24 -37.86
C THR A 266 -16.45 31.35 -38.31
N CYS A 267 -15.52 31.11 -37.41
CA CYS A 267 -14.52 30.08 -37.62
C CYS A 267 -14.97 28.82 -36.90
N GLU A 268 -14.55 27.69 -37.44
CA GLU A 268 -15.02 26.44 -36.90
C GLU A 268 -13.88 25.44 -36.88
N ALA A 269 -13.75 24.71 -35.77
CA ALA A 269 -12.69 23.73 -35.61
C ALA A 269 -13.16 22.64 -34.66
N ALA A 270 -12.70 21.40 -34.90
CA ALA A 270 -13.11 20.28 -34.07
C ALA A 270 -12.08 19.17 -34.15
N ASN A 271 -12.01 18.37 -33.07
CA ASN A 271 -11.30 17.09 -33.03
C ASN A 271 -12.26 15.98 -32.60
N LYS A 272 -11.74 14.75 -32.40
CA LYS A 272 -12.61 13.59 -32.24
C LYS A 272 -13.50 13.64 -30.99
N HIS A 273 -13.21 14.49 -30.00
CA HIS A 273 -14.00 14.53 -28.78
C HIS A 273 -15.05 15.63 -28.77
N GLY A 274 -15.07 16.51 -29.76
CA GLY A 274 -16.00 17.60 -29.69
C GLY A 274 -15.77 18.57 -30.83
N HIS A 275 -16.45 19.70 -30.73
CA HIS A 275 -16.57 20.66 -31.80
C HIS A 275 -16.79 22.01 -31.16
N ALA A 276 -16.09 23.03 -31.66
CA ALA A 276 -16.30 24.37 -31.16
C ALA A 276 -16.35 25.33 -32.32
N ARG A 277 -16.99 26.45 -32.07
CA ARG A 277 -17.20 27.44 -33.10
C ARG A 277 -17.25 28.77 -32.39
N ALA A 278 -16.70 29.79 -33.03
CA ALA A 278 -16.69 31.13 -32.48
C ALA A 278 -17.09 32.09 -33.57
N LEU A 279 -17.72 33.18 -33.19
CA LEU A 279 -18.49 34.01 -34.10
C LEU A 279 -18.18 35.49 -33.92
N TYR A 280 -17.91 36.18 -35.01
CA TYR A 280 -17.48 37.57 -35.02
C TYR A 280 -18.36 38.36 -35.97
N VAL A 281 -18.76 39.57 -35.57
CA VAL A 281 -19.76 40.39 -36.28
C VAL A 281 -19.09 41.62 -36.86
N LEU A 282 -18.96 41.65 -38.17
CA LEU A 282 -18.27 42.72 -38.86
C LEU A 282 -19.23 43.85 -39.18
N VAL A 283 -18.95 45.03 -38.63
CA VAL A 283 -19.63 46.26 -39.00
C VAL A 283 -18.58 47.14 -39.64
N VAL A 284 -18.82 47.55 -40.89
CA VAL A 284 -17.84 48.31 -41.65
C VAL A 284 -18.27 49.77 -41.72
N TYR A 285 -17.83 50.58 -40.76
CA TYR A 285 -18.33 51.92 -40.58
C TYR A 285 -17.90 52.84 -41.72
N ASP A 286 -18.80 53.75 -42.09
CA ASP A 286 -18.38 54.70 -43.10
C ASP A 286 -17.58 55.82 -42.45
N PRO A 287 -16.61 56.39 -43.13
CA PRO A 287 -15.76 57.40 -42.50
C PRO A 287 -16.61 58.58 -42.15
N GLY A 288 -16.32 59.21 -41.04
CA GLY A 288 -17.22 60.23 -40.55
C GLY A 288 -18.51 59.57 -40.08
N ALA A 289 -18.42 58.94 -38.92
CA ALA A 289 -19.51 58.21 -38.30
C ALA A 289 -19.11 57.95 -36.88
N VAL A 290 -19.76 58.58 -35.92
CA VAL A 290 -19.37 58.41 -34.53
C VAL A 290 -19.63 56.97 -34.09
N VAL A 291 -18.60 56.32 -33.57
CA VAL A 291 -18.69 54.98 -32.99
C VAL A 291 -18.27 55.07 -31.55
N GLU A 292 -19.17 54.73 -30.63
CA GLU A 292 -18.85 54.61 -29.21
C GLU A 292 -20.00 53.90 -28.52
N GLN B 1 16.76 30.10 9.38
CA GLN B 1 15.96 28.89 9.39
C GLN B 1 16.74 27.63 8.94
N GLU B 2 16.88 26.64 9.82
CA GLU B 2 17.59 25.42 9.52
C GLU B 2 16.73 24.20 9.81
N VAL B 3 16.91 23.16 9.02
CA VAL B 3 16.12 21.94 9.17
C VAL B 3 17.05 20.75 9.09
N GLN B 4 17.04 19.92 10.12
CA GLN B 4 17.83 18.70 10.10
C GLN B 4 16.96 17.53 10.52
N THR B 5 17.18 16.40 9.86
CA THR B 5 16.28 15.26 9.91
C THR B 5 17.11 14.01 10.14
N GLU B 6 16.93 13.39 11.29
CA GLU B 6 17.39 12.03 11.49
C GLU B 6 16.25 11.09 11.13
N GLN B 7 16.55 9.79 11.09
CA GLN B 7 15.58 8.73 10.83
C GLN B 7 15.45 7.82 12.04
N VAL B 8 14.29 7.20 12.20
CA VAL B 8 13.98 6.47 13.44
C VAL B 8 12.95 5.39 13.16
N THR B 9 13.25 4.13 13.54
CA THR B 9 12.47 2.94 13.15
C THR B 9 11.90 2.19 14.36
N VAL B 10 10.75 1.53 14.18
CA VAL B 10 10.12 0.68 15.18
C VAL B 10 9.63 -0.61 14.54
N ALA B 11 9.58 -1.68 15.34
CA ALA B 11 8.73 -2.81 15.06
C ALA B 11 7.34 -2.51 15.60
N GLU B 12 6.32 -2.78 14.80
CA GLU B 12 4.94 -2.43 15.15
C GLU B 12 4.62 -2.75 16.60
N GLY B 13 3.78 -1.96 17.24
CA GLY B 13 3.42 -2.25 18.61
C GLY B 13 4.53 -1.88 19.58
N GLY B 14 5.72 -1.69 19.02
CA GLY B 14 6.93 -1.41 19.77
C GLY B 14 6.95 -0.10 20.51
N VAL B 15 8.15 0.37 20.84
CA VAL B 15 8.36 1.62 21.58
C VAL B 15 9.49 2.40 20.91
N ALA B 16 9.25 3.67 20.62
CA ALA B 16 10.26 4.51 19.97
C ALA B 16 10.66 5.68 20.84
N GLU B 17 11.93 6.04 20.75
CA GLU B 17 12.51 7.19 21.42
C GLU B 17 12.86 8.26 20.39
N ILE B 18 12.52 9.50 20.71
CA ILE B 18 12.86 10.64 19.87
C ILE B 18 13.78 11.55 20.67
N THR B 19 15.07 11.56 20.30
CA THR B 19 16.04 12.48 20.86
C THR B 19 16.05 13.76 20.04
N CYS B 20 15.91 14.90 20.72
CA CYS B 20 15.99 16.23 20.12
C CYS B 20 17.24 16.91 20.62
N ARG B 21 18.37 16.59 19.98
CA ARG B 21 19.62 17.26 20.32
C ARG B 21 19.38 18.76 20.33
N LEU B 22 19.84 19.42 21.38
CA LEU B 22 19.87 20.88 21.39
C LEU B 22 21.28 21.28 21.74
N HIS B 23 21.89 22.10 20.89
CA HIS B 23 23.33 22.38 20.99
C HIS B 23 23.66 23.09 22.28
N GLN B 24 23.28 24.36 22.35
CA GLN B 24 23.45 25.15 23.56
C GLN B 24 22.09 25.74 23.89
N TYR B 25 21.69 25.65 25.14
CA TYR B 25 20.31 25.92 25.52
C TYR B 25 20.23 27.24 26.30
N ASP B 26 19.54 28.22 25.73
CA ASP B 26 19.27 29.43 26.51
C ASP B 26 18.16 29.18 27.53
N GLY B 27 17.07 28.55 27.11
CA GLY B 27 15.93 28.27 27.94
C GLY B 27 14.64 28.41 27.18
N SER B 28 14.76 28.70 25.89
CA SER B 28 13.61 29.10 25.10
C SER B 28 12.68 27.94 24.83
N ILE B 29 11.44 28.27 24.50
CA ILE B 29 10.37 27.30 24.37
C ILE B 29 10.75 26.21 23.38
N VAL B 30 10.41 24.98 23.74
CA VAL B 30 10.66 23.81 22.91
C VAL B 30 9.33 23.08 22.72
N VAL B 31 8.88 22.98 21.49
CA VAL B 31 7.62 22.32 21.16
C VAL B 31 7.91 21.07 20.35
N ILE B 32 7.05 20.06 20.49
CA ILE B 32 7.12 18.82 19.73
C ILE B 32 5.75 18.51 19.19
N GLN B 33 5.67 18.23 17.90
CA GLN B 33 4.38 18.04 17.23
C GLN B 33 4.34 16.67 16.58
N ASN B 34 3.17 16.04 16.61
CA ASN B 34 2.98 14.82 15.85
C ASN B 34 2.91 15.20 14.39
N PRO B 35 2.96 14.24 13.48
CA PRO B 35 3.00 14.57 12.06
C PRO B 35 1.77 15.30 11.54
N ALA B 36 0.64 15.25 12.24
CA ALA B 36 -0.47 16.13 11.98
C ALA B 36 -0.24 17.55 12.50
N ARG B 37 1.01 17.90 12.79
CA ARG B 37 1.39 19.21 13.31
C ARG B 37 0.71 19.52 14.63
N GLN B 38 0.29 18.52 15.38
CA GLN B 38 -0.38 18.76 16.65
C GLN B 38 0.65 18.66 17.75
N THR B 39 0.62 19.60 18.68
CA THR B 39 1.73 19.73 19.59
C THR B 39 1.61 18.71 20.70
N LEU B 40 2.57 17.79 20.78
CA LEU B 40 2.65 16.87 21.90
C LEU B 40 2.96 17.61 23.18
N PHE B 41 4.13 18.22 23.28
CA PHE B 41 4.58 18.89 24.49
C PHE B 41 4.93 20.32 24.16
N PHE B 42 4.33 21.28 24.83
CA PHE B 42 4.74 22.62 24.64
C PHE B 42 5.71 22.70 25.78
N ASN B 43 7.00 22.76 25.53
CA ASN B 43 8.00 22.73 26.59
C ASN B 43 7.71 21.47 27.38
N GLY B 44 7.72 21.53 28.69
CA GLY B 44 7.40 20.35 29.47
C GLY B 44 5.96 19.89 29.46
N THR B 45 5.05 20.85 29.51
CA THR B 45 3.64 20.56 29.61
C THR B 45 3.17 19.63 28.51
N ARG B 46 2.48 18.55 28.89
CA ARG B 46 1.79 17.71 27.93
C ARG B 46 0.62 18.48 27.32
N ALA B 47 0.39 18.26 26.04
CA ALA B 47 -0.68 18.98 25.36
C ALA B 47 -1.28 18.14 24.25
N LEU B 48 -1.32 16.84 24.45
CA LEU B 48 -2.19 15.98 23.65
C LEU B 48 -2.64 14.85 24.55
N LYS B 49 -3.93 14.76 24.79
CA LYS B 49 -4.45 13.77 25.73
C LYS B 49 -4.33 12.36 25.16
N ASP B 50 -3.10 11.96 24.82
CA ASP B 50 -2.79 10.59 24.41
C ASP B 50 -1.57 10.15 25.19
N GLU B 51 -1.74 9.15 26.04
CA GLU B 51 -0.77 8.86 27.09
C GLU B 51 0.27 7.83 26.68
N ARG B 52 0.28 7.43 25.41
CA ARG B 52 1.39 6.63 24.92
C ARG B 52 2.67 7.45 24.85
N PHE B 53 2.56 8.76 24.83
CA PHE B 53 3.71 9.65 24.74
C PHE B 53 4.11 10.07 26.15
N GLN B 54 5.30 9.67 26.58
CA GLN B 54 5.84 10.05 27.87
C GLN B 54 7.15 10.78 27.64
N LEU B 55 7.48 11.70 28.55
CA LEU B 55 8.65 12.56 28.44
C LEU B 55 9.75 12.05 29.36
N GLU B 56 10.92 11.77 28.80
CA GLU B 56 12.01 11.18 29.56
C GLU B 56 13.04 12.22 29.99
N GLU B 57 13.91 12.59 29.07
CA GLU B 57 14.96 13.53 29.39
C GLU B 57 14.75 14.90 28.79
N PHE B 58 14.92 15.91 29.63
CA PHE B 58 14.86 17.30 29.23
C PHE B 58 16.11 17.85 29.90
N SER B 59 17.27 17.64 29.30
CA SER B 59 18.53 18.07 29.87
C SER B 59 19.38 18.89 28.93
N PRO B 60 19.96 19.95 29.45
CA PRO B 60 20.73 20.87 28.62
C PRO B 60 21.39 20.24 27.40
N ARG B 61 21.25 18.94 27.20
CA ARG B 61 21.81 18.30 26.02
C ARG B 61 20.77 17.88 25.00
N ARG B 62 19.58 17.48 25.44
CA ARG B 62 18.60 16.91 24.52
C ARG B 62 17.26 16.80 25.22
N VAL B 63 16.24 16.52 24.41
CA VAL B 63 14.92 16.19 24.92
C VAL B 63 14.52 14.85 24.33
N ARG B 64 13.93 14.02 25.15
CA ARG B 64 13.57 12.70 24.73
C ARG B 64 12.20 12.33 25.17
N ILE B 65 11.36 11.97 24.23
CA ILE B 65 10.02 11.50 24.51
C ILE B 65 9.90 10.09 23.94
N ARG B 66 8.95 9.33 24.47
CA ARG B 66 8.79 7.93 24.10
C ARG B 66 7.37 7.62 23.71
N LEU B 67 7.20 7.04 22.53
CA LEU B 67 5.92 6.54 22.06
C LEU B 67 5.88 5.04 22.28
N SER B 68 4.95 4.61 23.12
CA SER B 68 4.75 3.20 23.38
C SER B 68 3.50 2.75 22.65
N ASP B 69 3.53 1.51 22.15
CA ASP B 69 2.45 0.95 21.35
C ASP B 69 2.43 1.67 20.01
N ALA B 70 3.52 1.57 19.27
CA ALA B 70 3.58 2.13 17.92
C ALA B 70 2.57 1.45 17.04
N ARG B 71 1.97 2.22 16.14
CA ARG B 71 1.05 1.68 15.14
C ARG B 71 1.47 2.22 13.79
N LEU B 72 0.92 1.62 12.73
CA LEU B 72 1.24 2.15 11.42
C LEU B 72 0.68 3.54 11.19
N GLU B 73 -0.26 3.96 12.02
CA GLU B 73 -0.82 5.30 11.95
C GLU B 73 0.01 6.34 12.68
N ASP B 74 1.20 5.97 13.14
CA ASP B 74 2.08 6.88 13.87
C ASP B 74 3.33 7.22 13.08
N GLU B 75 3.45 6.75 11.85
CA GLU B 75 4.54 7.17 11.02
C GLU B 75 4.39 8.64 10.65
N GLY B 76 5.51 9.24 10.24
CA GLY B 76 5.53 10.60 9.73
C GLY B 76 6.62 11.42 10.38
N GLY B 77 6.63 12.71 10.03
CA GLY B 77 7.62 13.64 10.53
C GLY B 77 7.27 14.14 11.92
N TYR B 78 8.11 13.85 12.88
CA TYR B 78 7.93 14.35 14.23
C TYR B 78 8.75 15.62 14.36
N PHE B 79 8.05 16.74 14.50
CA PHE B 79 8.70 18.04 14.47
C PHE B 79 9.19 18.40 15.86
N CYS B 80 10.42 18.87 15.93
CA CYS B 80 11.04 19.41 17.14
C CYS B 80 11.36 20.87 16.85
N GLN B 81 10.52 21.78 17.31
CA GLN B 81 10.66 23.20 17.03
C GLN B 81 11.25 23.90 18.25
N LEU B 82 12.45 24.43 18.09
CA LEU B 82 13.07 25.26 19.11
C LEU B 82 12.82 26.71 18.77
N TYR B 83 12.16 27.44 19.67
CA TYR B 83 11.71 28.80 19.42
C TYR B 83 12.69 29.81 20.03
N THR B 84 13.73 30.09 19.26
CA THR B 84 14.56 31.27 19.39
C THR B 84 14.39 32.11 18.13
N GLU B 85 15.11 33.23 18.07
CA GLU B 85 15.20 34.01 16.83
C GLU B 85 16.58 33.76 16.20
N ASP B 86 16.63 33.00 15.10
CA ASP B 86 15.45 32.47 14.45
C ASP B 86 15.11 31.07 14.98
N THR B 87 14.01 30.49 14.51
CA THR B 87 13.56 29.18 14.92
C THR B 87 14.37 28.10 14.21
N HIS B 88 14.42 26.91 14.82
CA HIS B 88 15.22 25.81 14.28
C HIS B 88 14.47 24.50 14.47
N HIS B 89 14.34 23.74 13.39
CA HIS B 89 13.56 22.52 13.37
C HIS B 89 14.45 21.29 13.40
N GLN B 90 13.95 20.22 14.02
CA GLN B 90 14.47 18.87 13.89
C GLN B 90 13.29 17.97 13.57
N ILE B 91 13.34 17.29 12.43
CA ILE B 91 12.24 16.45 11.99
C ILE B 91 12.70 15.00 12.06
N ALA B 92 12.18 14.25 13.02
CA ALA B 92 12.47 12.83 13.15
C ALA B 92 11.36 12.06 12.45
N THR B 93 11.68 11.43 11.32
CA THR B 93 10.71 10.72 10.51
C THR B 93 10.60 9.28 11.00
N LEU B 94 9.46 8.93 11.57
CA LEU B 94 9.27 7.60 12.16
C LEU B 94 8.77 6.63 11.11
N THR B 95 9.47 5.51 10.98
CA THR B 95 9.11 4.41 10.08
C THR B 95 8.82 3.18 10.91
N VAL B 96 7.59 2.68 10.84
CA VAL B 96 7.12 1.58 11.67
C VAL B 96 7.15 0.32 10.84
N LEU B 97 7.64 -0.78 11.42
CA LEU B 97 7.88 -2.02 10.71
C LEU B 97 7.03 -3.15 11.26
N VAL B 98 6.48 -3.94 10.34
CA VAL B 98 5.77 -5.16 10.68
C VAL B 98 6.68 -6.30 10.31
N ALA B 99 7.09 -7.05 11.31
CA ALA B 99 7.85 -8.27 11.15
C ALA B 99 6.89 -9.39 10.76
N PRO B 100 7.30 -10.27 9.85
CA PRO B 100 6.33 -11.16 9.22
C PRO B 100 5.65 -12.03 10.25
N GLU B 101 4.36 -12.25 10.07
CA GLU B 101 3.70 -13.12 11.02
C GLU B 101 4.04 -14.56 10.68
N ASN B 102 3.78 -15.47 11.62
CA ASN B 102 4.10 -16.87 11.41
C ASN B 102 3.57 -17.32 10.05
N PRO B 103 4.38 -17.97 9.22
CA PRO B 103 3.89 -18.48 7.94
C PRO B 103 2.77 -19.50 8.16
N VAL B 104 1.96 -19.68 7.14
CA VAL B 104 0.84 -20.59 7.21
C VAL B 104 0.95 -21.52 6.01
N VAL B 105 1.16 -22.81 6.27
CA VAL B 105 1.32 -23.78 5.20
C VAL B 105 0.01 -24.55 5.04
N GLU B 106 -0.41 -24.73 3.81
CA GLU B 106 -1.54 -25.58 3.48
C GLU B 106 -1.21 -26.39 2.24
N VAL B 107 -1.87 -27.52 2.11
CA VAL B 107 -1.77 -28.35 0.93
C VAL B 107 -3.02 -28.13 0.10
N ARG B 108 -2.83 -27.96 -1.21
CA ARG B 108 -3.95 -27.75 -2.12
C ARG B 108 -4.91 -28.92 -2.02
N GLU B 109 -4.42 -30.09 -2.41
CA GLU B 109 -5.19 -31.31 -2.42
C GLU B 109 -4.34 -32.43 -1.88
N GLN B 110 -5.03 -33.45 -1.39
CA GLN B 110 -4.43 -34.57 -0.66
C GLN B 110 -3.25 -35.18 -1.39
N ALA B 111 -2.20 -35.42 -0.64
CA ALA B 111 -1.03 -36.04 -1.22
C ALA B 111 -1.32 -37.52 -1.38
N VAL B 112 -1.27 -38.00 -2.63
CA VAL B 112 -1.38 -39.41 -2.93
C VAL B 112 -0.07 -39.87 -3.54
N GLU B 113 0.35 -41.07 -3.21
CA GLU B 113 1.61 -41.60 -3.71
C GLU B 113 1.58 -41.63 -5.22
N GLY B 114 2.75 -41.44 -5.82
CA GLY B 114 2.79 -41.37 -7.26
C GLY B 114 2.28 -40.03 -7.75
N GLY B 115 1.16 -39.57 -7.20
CA GLY B 115 0.69 -38.24 -7.48
C GLY B 115 1.62 -37.16 -6.96
N GLU B 116 1.10 -35.95 -6.84
CA GLU B 116 1.93 -34.82 -6.49
C GLU B 116 1.33 -34.04 -5.33
N VAL B 117 2.17 -33.20 -4.74
CA VAL B 117 1.81 -32.39 -3.58
C VAL B 117 1.88 -30.92 -4.00
N GLU B 118 0.90 -30.14 -3.56
CA GLU B 118 0.90 -28.70 -3.80
C GLU B 118 0.84 -27.98 -2.46
N LEU B 119 1.98 -27.48 -2.03
CA LEU B 119 2.15 -26.80 -0.75
C LEU B 119 2.23 -25.30 -0.96
N SER B 120 1.54 -24.55 -0.11
CA SER B 120 1.57 -23.09 -0.15
C SER B 120 2.04 -22.54 1.22
N CYS B 121 2.42 -21.27 1.24
CA CYS B 121 2.92 -20.62 2.45
C CYS B 121 2.61 -19.13 2.36
N LEU B 122 1.96 -18.57 3.37
CA LEU B 122 1.46 -17.21 3.29
C LEU B 122 1.78 -16.43 4.57
N VAL B 123 2.69 -15.48 4.48
CA VAL B 123 2.70 -14.39 5.44
C VAL B 123 1.62 -13.39 5.05
N PRO B 124 0.70 -13.04 5.93
CA PRO B 124 -0.36 -12.07 5.57
C PRO B 124 0.01 -10.62 5.87
N ARG B 125 0.92 -10.38 6.81
CA ARG B 125 1.34 -9.01 7.15
C ARG B 125 2.85 -8.97 7.31
N SER B 126 3.52 -8.31 6.40
CA SER B 126 4.95 -8.04 6.51
C SER B 126 5.21 -6.60 6.13
N ARG B 127 6.23 -6.01 6.75
CA ARG B 127 6.71 -4.69 6.34
C ARG B 127 8.16 -4.52 6.72
N PRO B 128 9.08 -4.52 5.73
CA PRO B 128 8.91 -4.78 4.30
C PRO B 128 8.39 -6.16 3.92
N ALA B 129 7.99 -6.32 2.66
CA ALA B 129 7.55 -7.62 2.15
C ALA B 129 8.55 -8.69 2.54
N ALA B 130 8.05 -9.89 2.83
CA ALA B 130 8.92 -10.92 3.33
C ALA B 130 9.65 -11.61 2.20
N VAL B 131 10.56 -12.51 2.58
CA VAL B 131 11.14 -13.48 1.66
C VAL B 131 10.77 -14.87 2.19
N LEU B 132 10.11 -15.67 1.37
CA LEU B 132 9.73 -17.02 1.73
C LEU B 132 10.70 -18.01 1.13
N ARG B 133 11.37 -18.78 1.98
CA ARG B 133 12.15 -19.92 1.53
C ARG B 133 11.51 -21.20 2.05
N TRP B 134 11.64 -22.26 1.24
CA TRP B 134 11.19 -23.59 1.61
C TRP B 134 12.40 -24.48 1.84
N TYR B 135 12.37 -25.24 2.92
CA TYR B 135 13.36 -26.27 3.20
C TYR B 135 12.66 -27.59 3.48
N ARG B 136 13.21 -28.67 2.93
CA ARG B 136 12.72 -30.02 3.21
C ARG B 136 13.90 -30.91 3.53
N ASP B 137 13.91 -31.48 4.73
CA ASP B 137 14.98 -32.36 5.20
C ASP B 137 16.35 -31.72 4.96
N ARG B 138 16.44 -30.44 5.31
CA ARG B 138 17.63 -29.57 5.31
C ARG B 138 18.13 -29.15 3.93
N LYS B 139 17.45 -29.48 2.85
CA LYS B 139 17.72 -28.88 1.56
C LYS B 139 16.62 -27.89 1.24
N GLU B 140 16.93 -26.88 0.43
CA GLU B 140 15.93 -25.87 0.11
C GLU B 140 15.15 -26.26 -1.14
N LEU B 141 13.86 -26.00 -1.12
CA LEU B 141 13.00 -26.17 -2.28
C LEU B 141 12.77 -24.82 -2.95
N LYS B 142 12.58 -24.84 -4.26
CA LYS B 142 12.36 -23.63 -5.03
C LYS B 142 10.87 -23.37 -5.17
N GLY B 143 10.44 -22.15 -4.88
CA GLY B 143 9.04 -21.80 -4.87
C GLY B 143 8.68 -20.76 -5.93
N VAL B 144 7.40 -20.37 -5.90
CA VAL B 144 6.87 -19.37 -6.83
C VAL B 144 6.18 -18.32 -5.97
N SER B 145 6.93 -17.29 -5.56
CA SER B 145 6.47 -16.27 -4.64
C SER B 145 5.94 -15.06 -5.37
N SER B 146 5.09 -14.30 -4.66
CA SER B 146 4.42 -13.13 -5.21
C SER B 146 3.57 -12.46 -4.13
N GLY B 147 3.71 -11.15 -3.96
CA GLY B 147 3.03 -10.43 -2.91
C GLY B 147 1.99 -9.45 -3.42
N GLN B 148 1.38 -8.74 -2.48
CA GLN B 148 0.41 -7.70 -2.76
C GLN B 148 0.27 -6.79 -1.55
N GLU B 149 0.21 -5.48 -1.79
CA GLU B 149 0.27 -4.47 -0.73
C GLU B 149 -1.13 -3.99 -0.37
N ASN B 150 -1.60 -4.38 0.81
CA ASN B 150 -2.94 -4.01 1.26
C ASN B 150 -2.87 -2.89 2.30
N GLY B 151 -2.35 -1.75 1.85
CA GLY B 151 -2.18 -0.63 2.75
C GLY B 151 -0.72 -0.31 2.86
N LYS B 152 -0.18 -0.35 4.06
CA LYS B 152 1.26 -0.22 4.20
C LYS B 152 1.96 -1.58 4.28
N VAL B 153 1.20 -2.66 4.48
CA VAL B 153 1.74 -3.97 4.81
C VAL B 153 1.58 -4.91 3.62
N TRP B 154 2.41 -5.93 3.59
CA TRP B 154 2.47 -6.89 2.49
C TRP B 154 2.04 -8.28 2.95
N SER B 155 1.13 -8.89 2.20
CA SER B 155 0.91 -10.32 2.23
C SER B 155 1.72 -10.94 1.10
N VAL B 156 2.64 -11.84 1.44
CA VAL B 156 3.42 -12.56 0.44
C VAL B 156 3.04 -14.03 0.49
N ALA B 157 3.20 -14.70 -0.65
CA ALA B 157 2.89 -16.11 -0.76
C ALA B 157 3.99 -16.77 -1.56
N SER B 158 4.09 -18.09 -1.43
CA SER B 158 5.13 -18.88 -2.09
C SER B 158 4.62 -20.30 -2.12
N THR B 159 4.65 -20.93 -3.29
CA THR B 159 3.96 -22.20 -3.42
C THR B 159 4.86 -23.20 -4.15
N VAL B 160 5.25 -24.26 -3.43
CA VAL B 160 6.18 -25.27 -3.91
C VAL B 160 5.41 -26.54 -4.22
N ARG B 161 5.91 -27.28 -5.19
CA ARG B 161 5.33 -28.55 -5.59
C ARG B 161 6.46 -29.53 -5.85
N PHE B 162 6.17 -30.80 -5.58
CA PHE B 162 7.13 -31.88 -5.81
C PHE B 162 6.37 -33.19 -5.72
N ARG B 163 7.10 -34.29 -5.90
CA ARG B 163 6.53 -35.63 -5.96
C ARG B 163 6.81 -36.41 -4.69
N VAL B 164 5.86 -37.28 -4.36
CA VAL B 164 5.87 -38.02 -3.11
C VAL B 164 5.55 -39.49 -3.38
N ASP B 165 6.34 -40.38 -2.81
CA ASP B 165 5.94 -41.77 -2.66
C ASP B 165 5.60 -41.99 -1.18
N ARG B 166 5.46 -43.25 -0.77
CA ARG B 166 5.11 -43.54 0.61
C ARG B 166 6.22 -43.21 1.59
N LYS B 167 7.49 -43.21 1.17
CA LYS B 167 8.55 -42.74 2.07
C LYS B 167 8.29 -41.32 2.55
N ASP B 168 7.81 -40.45 1.64
CA ASP B 168 7.77 -39.02 1.92
C ASP B 168 6.74 -38.68 2.99
N ASP B 169 5.72 -39.51 3.15
CA ASP B 169 4.74 -39.35 4.22
C ASP B 169 5.41 -39.04 5.55
N GLY B 170 4.65 -38.48 6.49
CA GLY B 170 5.17 -38.16 7.81
C GLY B 170 6.35 -37.21 7.82
N GLY B 171 6.83 -36.82 6.62
CA GLY B 171 8.00 -35.99 6.50
C GLY B 171 7.70 -34.51 6.68
N ILE B 172 8.72 -33.78 7.10
CA ILE B 172 8.59 -32.38 7.53
C ILE B 172 9.00 -31.47 6.40
N VAL B 173 8.21 -30.42 6.17
CA VAL B 173 8.57 -29.34 5.28
C VAL B 173 8.55 -28.05 6.08
N ILE B 174 9.58 -27.24 5.92
CA ILE B 174 9.73 -25.99 6.64
C ILE B 174 9.52 -24.85 5.67
N CYS B 175 8.61 -23.94 6.00
CA CYS B 175 8.58 -22.62 5.41
C CYS B 175 9.15 -21.68 6.44
N GLU B 176 10.17 -20.92 6.03
CA GLU B 176 10.71 -19.85 6.85
C GLU B 176 10.56 -18.56 6.07
N ALA B 177 10.44 -17.46 6.81
CA ALA B 177 10.22 -16.14 6.25
C ALA B 177 11.07 -15.15 7.03
N GLN B 178 11.58 -14.15 6.32
CA GLN B 178 12.41 -13.16 6.98
C GLN B 178 12.34 -11.85 6.20
N ASN B 179 12.64 -10.77 6.92
CA ASN B 179 12.75 -9.46 6.28
C ASN B 179 13.70 -8.63 7.16
N GLN B 180 13.43 -7.33 7.21
CA GLN B 180 14.30 -6.41 7.93
C GLN B 180 13.94 -6.28 9.40
N ALA B 181 12.65 -6.35 9.75
CA ALA B 181 12.25 -6.13 11.13
C ALA B 181 12.82 -7.15 12.09
N LEU B 182 13.43 -8.24 11.58
CA LEU B 182 14.11 -9.31 12.28
C LEU B 182 15.61 -9.19 12.09
N PRO B 183 16.38 -9.41 13.15
CA PRO B 183 17.85 -9.47 13.03
C PRO B 183 18.35 -10.14 11.75
N SER B 184 19.50 -9.73 11.24
CA SER B 184 20.01 -10.33 10.02
C SER B 184 20.28 -11.81 10.26
N GLY B 185 19.90 -12.65 9.30
CA GLY B 185 20.05 -14.08 9.49
C GLY B 185 19.20 -14.68 10.59
N HIS B 186 18.01 -14.13 10.83
CA HIS B 186 16.98 -14.75 11.65
C HIS B 186 15.68 -14.83 10.87
N SER B 187 14.68 -15.46 11.47
CA SER B 187 13.49 -15.80 10.72
C SER B 187 12.42 -16.33 11.66
N LYS B 188 11.19 -16.28 11.19
CA LYS B 188 10.10 -17.03 11.77
C LYS B 188 9.89 -18.27 10.91
N GLN B 189 9.52 -19.38 11.55
CA GLN B 189 9.44 -20.64 10.83
C GLN B 189 8.17 -21.38 11.18
N THR B 190 7.80 -22.28 10.28
CA THR B 190 6.60 -23.09 10.41
C THR B 190 6.83 -24.40 9.71
N GLN B 191 6.58 -25.49 10.42
CA GLN B 191 6.89 -26.83 9.94
C GLN B 191 5.60 -27.56 9.62
N TYR B 192 5.52 -28.07 8.41
CA TYR B 192 4.35 -28.77 7.94
C TYR B 192 4.72 -30.23 7.77
N VAL B 193 3.96 -31.10 8.41
CA VAL B 193 4.20 -32.53 8.37
C VAL B 193 3.38 -33.13 7.25
N LEU B 194 4.05 -33.68 6.23
CA LEU B 194 3.39 -34.21 5.06
C LEU B 194 2.35 -35.27 5.42
N ASP B 195 1.47 -35.55 4.47
CA ASP B 195 0.49 -36.62 4.68
C ASP B 195 0.20 -37.24 3.31
N VAL B 196 0.92 -38.29 2.99
CA VAL B 196 0.81 -39.00 1.72
C VAL B 196 0.00 -40.25 1.95
N GLN B 197 -1.04 -40.45 1.14
CA GLN B 197 -1.82 -41.67 1.20
C GLN B 197 -1.13 -42.72 0.36
N TYR B 198 -1.27 -43.99 0.75
CA TYR B 198 -0.68 -45.04 -0.06
C TYR B 198 -1.50 -46.34 0.00
N SER B 199 -1.39 -47.13 -1.07
CA SER B 199 -2.06 -48.41 -1.16
C SER B 199 -1.48 -49.37 -0.15
N PRO B 200 -2.30 -50.22 0.45
CA PRO B 200 -1.88 -50.99 1.62
C PRO B 200 -1.00 -52.17 1.24
N THR B 201 -0.43 -52.80 2.26
CA THR B 201 0.43 -53.98 2.16
C THR B 201 0.23 -54.85 3.39
N ALA B 202 0.08 -56.16 3.21
CA ALA B 202 -0.16 -57.07 4.32
C ALA B 202 0.88 -58.18 4.36
N ARG B 203 1.08 -58.74 5.53
CA ARG B 203 2.11 -59.74 5.75
C ARG B 203 1.76 -60.44 7.04
N ILE B 204 1.83 -61.77 7.06
CA ILE B 204 1.42 -62.53 8.24
C ILE B 204 2.64 -62.93 9.04
N HIS B 205 2.52 -62.89 10.36
CA HIS B 205 3.53 -63.37 11.29
C HIS B 205 2.86 -64.30 12.29
N ALA B 206 3.49 -65.44 12.60
CA ALA B 206 2.86 -66.53 13.35
C ALA B 206 3.41 -66.65 14.77
N SER B 207 2.59 -67.17 15.68
CA SER B 207 2.98 -67.24 17.09
C SER B 207 4.12 -68.20 17.34
N GLN B 208 4.29 -69.22 16.49
CA GLN B 208 5.27 -70.26 16.67
C GLN B 208 5.85 -70.66 15.33
N ALA B 209 7.13 -71.04 15.35
CA ALA B 209 7.78 -71.46 14.12
C ALA B 209 7.52 -72.92 13.80
N VAL B 210 7.09 -73.70 14.78
CA VAL B 210 6.80 -75.12 14.59
C VAL B 210 5.50 -75.41 15.30
N VAL B 211 4.49 -75.84 14.56
CA VAL B 211 3.16 -76.05 15.10
C VAL B 211 2.88 -77.53 15.13
N ARG B 212 2.52 -78.03 16.30
CA ARG B 212 2.29 -79.44 16.51
C ARG B 212 0.83 -79.66 16.88
N GLU B 213 0.32 -80.85 16.58
CA GLU B 213 -1.06 -81.20 16.88
C GLU B 213 -1.46 -80.78 18.29
N GLY B 214 -2.70 -80.35 18.43
CA GLY B 214 -3.16 -79.95 19.74
C GLY B 214 -2.57 -78.67 20.26
N ASP B 215 -1.90 -77.89 19.42
CA ASP B 215 -1.47 -76.57 19.82
C ASP B 215 -2.52 -75.54 19.44
N THR B 216 -2.35 -74.35 19.99
CA THR B 216 -3.14 -73.17 19.63
C THR B 216 -2.22 -72.16 18.96
N LEU B 217 -2.52 -71.83 17.72
CA LEU B 217 -1.73 -70.92 16.91
C LEU B 217 -2.46 -69.60 16.79
N VAL B 218 -1.72 -68.49 16.81
CA VAL B 218 -2.29 -67.18 16.51
C VAL B 218 -1.48 -66.58 15.37
N LEU B 219 -2.10 -66.46 14.21
CA LEU B 219 -1.57 -65.68 13.12
C LEU B 219 -1.90 -64.21 13.32
N THR B 220 -1.04 -63.33 12.80
CA THR B 220 -1.26 -61.89 12.90
C THR B 220 -0.90 -61.23 11.59
N CYS B 221 -1.79 -60.37 11.11
CA CYS B 221 -1.73 -59.74 9.79
C CYS B 221 -1.19 -58.33 9.96
N ALA B 222 -0.06 -58.07 9.33
CA ALA B 222 0.77 -56.91 9.63
C ALA B 222 0.61 -55.92 8.49
N VAL B 223 -0.49 -55.19 8.55
CA VAL B 223 -0.93 -54.30 7.48
C VAL B 223 -0.25 -52.94 7.61
N THR B 224 -0.05 -52.26 6.48
CA THR B 224 0.30 -50.85 6.44
C THR B 224 -0.50 -50.20 5.33
N GLY B 225 -0.61 -48.88 5.37
CA GLY B 225 -1.61 -48.24 4.55
C GLY B 225 -2.03 -46.88 5.07
N ASN B 226 -2.29 -45.96 4.16
CA ASN B 226 -2.73 -44.61 4.48
C ASN B 226 -3.76 -44.24 3.45
N PRO B 227 -5.03 -44.21 3.84
CA PRO B 227 -5.56 -44.50 5.16
C PRO B 227 -5.17 -45.90 5.61
N ARG B 228 -5.01 -46.10 6.92
CA ARG B 228 -4.86 -47.44 7.41
C ARG B 228 -6.16 -48.18 7.11
N PRO B 229 -6.09 -49.48 6.85
CA PRO B 229 -7.32 -50.23 6.61
C PRO B 229 -8.02 -50.57 7.90
N ASN B 230 -9.35 -50.51 7.88
CA ASN B 230 -10.17 -50.64 9.08
C ASN B 230 -10.82 -52.01 9.25
N GLN B 231 -10.94 -52.81 8.20
CA GLN B 231 -11.42 -54.17 8.32
C GLN B 231 -10.37 -55.13 7.76
N ILE B 232 -10.27 -56.32 8.37
CA ILE B 232 -9.49 -57.45 7.85
C ILE B 232 -10.41 -58.65 7.67
N ARG B 233 -10.30 -59.32 6.54
CA ARG B 233 -11.04 -60.55 6.29
C ARG B 233 -10.06 -61.70 6.13
N TRP B 234 -10.36 -62.82 6.81
CA TRP B 234 -9.51 -64.00 6.88
C TRP B 234 -10.15 -65.12 6.06
N ASN B 235 -9.32 -65.86 5.33
CA ASN B 235 -9.86 -66.83 4.39
C ASN B 235 -9.00 -68.08 4.33
N ARG B 236 -9.63 -69.15 3.86
CA ARG B 236 -8.97 -70.44 3.67
C ARG B 236 -9.36 -71.01 2.32
N GLY B 237 -9.00 -70.31 1.25
CA GLY B 237 -9.43 -70.71 -0.07
C GLY B 237 -10.93 -70.91 -0.12
N GLN B 238 -11.35 -71.89 -0.90
CA GLN B 238 -12.76 -72.20 -1.06
C GLN B 238 -13.33 -73.01 0.09
N GLU B 239 -12.64 -73.07 1.22
CA GLU B 239 -13.03 -73.93 2.33
C GLU B 239 -13.33 -73.13 3.58
N SER B 240 -14.19 -73.69 4.43
CA SER B 240 -14.43 -73.07 5.72
C SER B 240 -13.14 -73.03 6.51
N LEU B 241 -13.00 -72.01 7.34
CA LEU B 241 -11.95 -72.02 8.34
C LEU B 241 -12.27 -73.13 9.31
N PRO B 242 -11.27 -73.63 10.03
CA PRO B 242 -11.55 -74.62 11.05
C PRO B 242 -12.66 -74.10 11.93
N GLU B 243 -13.64 -74.95 12.23
CA GLU B 243 -14.50 -74.57 13.31
C GLU B 243 -13.62 -74.38 14.51
N ARG B 244 -14.04 -73.51 15.40
CA ARG B 244 -13.28 -73.02 16.54
C ARG B 244 -12.21 -72.01 16.13
N ALA B 245 -12.03 -71.75 14.84
CA ALA B 245 -11.16 -70.64 14.46
C ALA B 245 -11.78 -69.32 14.92
N GLU B 246 -10.95 -68.43 15.44
CA GLU B 246 -11.37 -67.10 15.86
C GLU B 246 -10.74 -66.06 14.95
N ALA B 247 -11.50 -65.56 14.00
CA ALA B 247 -11.04 -64.48 13.15
C ALA B 247 -11.55 -63.20 13.76
N VAL B 248 -10.72 -62.53 14.52
CA VAL B 248 -11.14 -61.33 15.21
C VAL B 248 -10.20 -60.19 14.82
N GLY B 249 -10.67 -59.31 13.97
CA GLY B 249 -9.88 -58.19 13.61
C GLY B 249 -8.71 -58.67 12.82
N GLU B 250 -7.51 -58.48 13.34
CA GLU B 250 -6.27 -58.73 12.63
C GLU B 250 -5.52 -59.96 13.12
N THR B 251 -6.22 -60.92 13.73
CA THR B 251 -5.61 -62.15 14.23
C THR B 251 -6.58 -63.30 14.04
N LEU B 252 -6.07 -64.41 13.53
CA LEU B 252 -6.75 -65.70 13.51
C LEU B 252 -6.16 -66.55 14.61
N THR B 253 -7.01 -67.06 15.49
CA THR B 253 -6.57 -67.87 16.62
C THR B 253 -7.06 -69.29 16.39
N LEU B 254 -6.17 -70.16 15.96
CA LEU B 254 -6.51 -71.54 15.79
C LEU B 254 -6.14 -72.32 17.04
N PRO B 255 -7.09 -72.92 17.76
CA PRO B 255 -6.73 -73.71 18.94
C PRO B 255 -6.96 -75.20 18.73
N GLY B 256 -6.35 -76.02 19.57
CA GLY B 256 -6.41 -77.46 19.42
C GLY B 256 -6.24 -77.87 17.98
N LEU B 257 -5.12 -77.46 17.40
CA LEU B 257 -4.87 -77.75 16.01
C LEU B 257 -4.87 -79.26 15.77
N VAL B 258 -5.49 -79.67 14.68
CA VAL B 258 -5.46 -81.06 14.25
C VAL B 258 -5.11 -81.08 12.77
N SER B 259 -4.52 -82.19 12.33
CA SER B 259 -3.87 -82.24 11.03
C SER B 259 -4.79 -81.87 9.87
N ALA B 260 -6.11 -81.88 10.06
CA ALA B 260 -7.00 -81.44 8.99
C ALA B 260 -7.18 -79.94 8.94
N ASP B 261 -6.73 -79.22 9.97
CA ASP B 261 -6.72 -77.78 9.93
C ASP B 261 -5.61 -77.24 9.12
N GLN B 262 -4.90 -78.05 8.36
CA GLN B 262 -3.83 -77.53 7.53
C GLN B 262 -4.41 -76.86 6.29
N GLY B 263 -3.56 -76.13 5.55
CA GLY B 263 -3.96 -75.41 4.35
C GLY B 263 -3.24 -74.08 4.30
N THR B 264 -3.44 -73.25 3.29
CA THR B 264 -2.90 -71.90 3.31
C THR B 264 -4.00 -70.91 3.68
N TYR B 265 -3.78 -70.20 4.77
CA TYR B 265 -4.69 -69.17 5.22
C TYR B 265 -4.22 -67.84 4.64
N THR B 266 -5.16 -66.94 4.39
CA THR B 266 -4.83 -65.62 3.86
C THR B 266 -5.53 -64.55 4.68
N CYS B 267 -4.82 -63.45 4.91
CA CYS B 267 -5.43 -62.22 5.38
C CYS B 267 -5.38 -61.20 4.28
N GLU B 268 -6.38 -60.37 4.24
CA GLU B 268 -6.68 -59.56 3.08
C GLU B 268 -7.22 -58.23 3.58
N ALA B 269 -6.56 -57.14 3.22
CA ALA B 269 -6.91 -55.82 3.70
C ALA B 269 -6.81 -54.84 2.55
N ALA B 270 -7.72 -53.85 2.54
CA ALA B 270 -7.65 -52.87 1.46
C ALA B 270 -8.06 -51.51 1.98
N ASN B 271 -7.55 -50.47 1.29
CA ASN B 271 -8.04 -49.11 1.43
C ASN B 271 -8.39 -48.54 0.06
N LYS B 272 -8.57 -47.22 -0.02
CA LYS B 272 -9.07 -46.59 -1.22
C LYS B 272 -8.07 -46.63 -2.37
N HIS B 273 -6.82 -47.01 -2.15
CA HIS B 273 -5.80 -46.94 -3.18
C HIS B 273 -5.33 -48.29 -3.68
N GLY B 274 -5.81 -49.37 -3.11
CA GLY B 274 -5.37 -50.69 -3.50
C GLY B 274 -5.88 -51.73 -2.53
N HIS B 275 -5.46 -52.97 -2.77
CA HIS B 275 -5.73 -54.10 -1.90
C HIS B 275 -4.41 -54.70 -1.44
N ALA B 276 -4.49 -55.60 -0.46
CA ALA B 276 -3.35 -56.41 -0.09
C ALA B 276 -3.85 -57.75 0.39
N ARG B 277 -2.97 -58.75 0.32
CA ARG B 277 -3.29 -60.09 0.74
C ARG B 277 -1.99 -60.80 1.08
N ALA B 278 -1.99 -61.54 2.18
CA ALA B 278 -0.85 -62.33 2.60
C ALA B 278 -1.33 -63.74 2.85
N LEU B 279 -0.40 -64.66 3.06
CA LEU B 279 -0.71 -66.06 2.78
C LEU B 279 0.21 -66.95 3.59
N TYR B 280 -0.34 -67.60 4.62
CA TYR B 280 0.43 -68.46 5.51
C TYR B 280 0.09 -69.92 5.24
N VAL B 281 1.11 -70.74 4.96
CA VAL B 281 0.92 -72.14 4.60
C VAL B 281 1.02 -72.96 5.89
N LEU B 282 -0.13 -73.35 6.43
CA LEU B 282 -0.14 -74.02 7.74
C LEU B 282 0.23 -75.48 7.58
N VAL B 283 1.04 -75.97 8.52
CA VAL B 283 1.52 -77.34 8.49
C VAL B 283 1.66 -77.85 9.92
N VAL B 284 0.87 -78.84 10.27
CA VAL B 284 0.77 -79.34 11.64
C VAL B 284 1.64 -80.58 11.76
N TYR B 285 2.71 -80.49 12.56
CA TYR B 285 3.70 -81.57 12.66
C TYR B 285 3.29 -82.59 13.71
N ASP B 286 3.77 -83.84 13.51
CA ASP B 286 3.33 -85.07 14.18
C ASP B 286 4.53 -85.96 14.46
N PRO B 287 4.39 -86.97 15.31
CA PRO B 287 5.39 -88.05 15.40
C PRO B 287 5.27 -89.15 14.36
N GLY B 288 4.42 -89.02 13.34
CA GLY B 288 4.38 -89.97 12.25
C GLY B 288 5.59 -89.84 11.34
N ALA B 289 5.66 -90.76 10.39
CA ALA B 289 6.82 -90.88 9.51
C ALA B 289 6.68 -89.93 8.33
N VAL B 290 7.78 -89.25 8.01
CA VAL B 290 7.80 -88.13 7.07
C VAL B 290 8.70 -88.48 5.90
N VAL B 291 8.37 -87.95 4.71
CA VAL B 291 9.28 -88.06 3.57
C VAL B 291 10.62 -87.43 3.96
N GLU B 292 11.69 -87.96 3.42
CA GLU B 292 13.03 -87.59 3.87
C GLU B 292 13.42 -86.22 3.31
N ALA B 293 14.36 -85.56 4.00
CA ALA B 293 14.94 -84.29 3.56
C ALA B 293 16.27 -84.51 2.85
N ASP C 42 -19.96 21.26 21.37
CA ASP C 42 -20.37 21.97 22.59
C ASP C 42 -19.18 22.56 23.35
N SER C 43 -18.06 21.84 23.34
CA SER C 43 -16.81 22.33 23.91
C SER C 43 -15.80 22.66 22.82
N GLN C 44 -16.29 23.05 21.65
CA GLN C 44 -15.60 23.40 20.41
C GLN C 44 -15.33 24.90 20.37
N PRO C 45 -14.11 25.33 20.11
CA PRO C 45 -13.81 26.76 20.07
C PRO C 45 -14.30 27.41 18.80
N TRP C 46 -14.68 28.67 18.90
CA TRP C 46 -15.08 29.41 17.72
C TRP C 46 -14.34 30.73 17.67
N THR C 47 -13.88 31.06 16.49
CA THR C 47 -13.18 32.29 16.20
C THR C 47 -13.77 32.85 14.93
N SER C 48 -13.72 34.16 14.81
CA SER C 48 -14.28 34.86 13.66
C SER C 48 -13.14 35.50 12.88
N ASP C 49 -13.22 35.40 11.56
CA ASP C 49 -12.23 36.02 10.68
C ASP C 49 -12.14 37.52 10.90
N GLU C 50 -10.91 38.02 10.97
CA GLU C 50 -10.65 39.44 11.01
C GLU C 50 -10.03 39.87 9.69
N THR C 51 -9.91 41.18 9.50
CA THR C 51 -9.60 41.79 8.20
C THR C 51 -9.08 43.19 8.46
N VAL C 52 -7.86 43.49 8.01
CA VAL C 52 -7.09 44.60 8.56
C VAL C 52 -6.35 45.33 7.45
N VAL C 53 -6.31 46.66 7.55
CA VAL C 53 -5.50 47.46 6.64
C VAL C 53 -4.04 47.21 6.93
N ALA C 54 -3.28 46.86 5.90
CA ALA C 54 -1.86 46.59 6.05
C ALA C 54 -1.18 47.68 6.85
N GLY C 55 -0.31 47.29 7.77
CA GLY C 55 0.27 48.19 8.74
C GLY C 55 -0.47 48.29 10.06
N GLY C 56 -1.68 47.73 10.15
CA GLY C 56 -2.47 47.80 11.36
C GLY C 56 -2.12 46.71 12.36
N THR C 57 -2.96 46.59 13.38
CA THR C 57 -2.90 45.54 14.38
C THR C 57 -4.15 44.69 14.28
N VAL C 58 -4.00 43.41 14.04
CA VAL C 58 -5.13 42.50 14.01
C VAL C 58 -5.27 41.86 15.38
N VAL C 59 -6.51 41.66 15.82
CA VAL C 59 -6.79 41.01 17.10
C VAL C 59 -7.53 39.72 16.79
N LEU C 60 -6.86 38.60 17.02
CA LEU C 60 -7.42 37.27 16.81
C LEU C 60 -7.95 36.76 18.15
N LYS C 61 -9.21 36.35 18.17
CA LYS C 61 -9.84 35.94 19.40
C LYS C 61 -10.48 34.58 19.20
N CYS C 62 -10.41 33.76 20.24
CA CYS C 62 -10.83 32.37 20.19
C CYS C 62 -11.32 32.04 21.58
N GLN C 63 -12.55 31.55 21.71
CA GLN C 63 -13.07 31.21 23.02
C GLN C 63 -13.83 29.89 23.01
N VAL C 64 -13.95 29.33 24.22
CA VAL C 64 -14.45 27.98 24.46
C VAL C 64 -15.42 28.06 25.63
N LYS C 65 -16.55 27.37 25.53
CA LYS C 65 -17.46 27.34 26.67
C LYS C 65 -17.02 26.30 27.70
N ASP C 66 -16.89 25.04 27.30
CA ASP C 66 -16.44 23.98 28.20
C ASP C 66 -15.01 23.63 27.83
N HIS C 67 -14.05 24.09 28.63
CA HIS C 67 -12.66 23.91 28.25
C HIS C 67 -12.11 22.53 28.62
N GLU C 68 -12.88 21.73 29.35
CA GLU C 68 -12.47 20.39 29.76
C GLU C 68 -11.01 20.35 30.21
N ASP C 69 -10.56 21.45 30.83
CA ASP C 69 -9.24 21.55 31.47
C ASP C 69 -8.10 21.28 30.49
N SER C 70 -8.26 21.77 29.27
CA SER C 70 -7.22 21.77 28.27
C SER C 70 -6.85 23.22 27.94
N SER C 71 -5.61 23.41 27.53
CA SER C 71 -5.16 24.74 27.13
C SER C 71 -5.43 24.96 25.64
N LEU C 72 -5.67 26.22 25.28
CA LEU C 72 -5.83 26.60 23.88
C LEU C 72 -4.50 26.93 23.24
N GLN C 73 -4.50 27.08 21.93
CA GLN C 73 -3.28 27.53 21.29
C GLN C 73 -3.58 28.12 19.92
N TRP C 74 -2.71 29.02 19.50
CA TRP C 74 -2.75 29.61 18.18
C TRP C 74 -1.49 29.21 17.44
N SER C 75 -1.64 28.75 16.22
CA SER C 75 -0.53 28.56 15.31
C SER C 75 -0.69 29.54 14.16
N ASN C 76 0.40 29.83 13.47
CA ASN C 76 0.27 30.77 12.36
C ASN C 76 -0.08 29.95 11.12
N PRO C 77 -0.28 30.56 9.94
CA PRO C 77 -0.55 29.75 8.74
C PRO C 77 0.54 28.75 8.39
N ALA C 78 1.70 28.77 9.06
CA ALA C 78 2.78 27.84 8.79
C ALA C 78 2.87 26.76 9.85
N GLN C 79 1.74 26.43 10.47
CA GLN C 79 1.70 25.41 11.52
C GLN C 79 2.77 25.66 12.57
N GLN C 80 3.04 26.93 12.84
CA GLN C 80 4.10 27.33 13.75
C GLN C 80 3.49 27.99 14.96
N THR C 81 3.80 27.48 16.14
CA THR C 81 3.08 27.87 17.35
C THR C 81 3.33 29.31 17.71
N LEU C 82 2.28 30.00 18.13
CA LEU C 82 2.39 31.40 18.54
C LEU C 82 2.31 31.49 20.05
N TYR C 83 1.13 31.19 20.57
CA TYR C 83 0.85 31.24 22.00
C TYR C 83 0.15 29.98 22.44
N PHE C 84 0.66 29.37 23.49
CA PHE C 84 0.06 28.21 24.13
C PHE C 84 -0.35 28.66 25.52
N GLY C 85 -1.63 28.97 25.71
CA GLY C 85 -2.01 29.58 26.97
C GLY C 85 -1.46 30.99 27.04
N GLU C 86 -0.87 31.35 28.17
CA GLU C 86 -0.24 32.65 28.27
C GLU C 86 1.27 32.59 28.04
N LYS C 87 1.77 31.48 27.52
CA LYS C 87 3.20 31.28 27.34
C LYS C 87 3.54 31.51 25.88
N ARG C 88 4.36 32.52 25.61
CA ARG C 88 4.71 32.83 24.24
C ARG C 88 5.62 31.76 23.67
N ALA C 89 5.45 31.46 22.40
CA ALA C 89 6.29 30.48 21.72
C ALA C 89 7.19 31.14 20.68
N LEU C 90 6.67 31.34 19.48
CA LEU C 90 7.43 32.00 18.43
C LEU C 90 7.83 33.41 18.83
N ARG C 91 9.11 33.68 18.74
CA ARG C 91 9.61 34.95 19.14
C ARG C 91 9.55 36.04 18.12
N ASP C 92 8.37 36.63 18.02
CA ASP C 92 8.12 37.78 17.18
C ASP C 92 7.55 38.87 18.06
N ASN C 93 7.90 40.12 17.79
CA ASN C 93 7.58 41.21 18.71
C ASN C 93 6.24 41.81 18.44
N ARG C 94 5.80 41.81 17.19
CA ARG C 94 4.46 42.30 16.87
C ARG C 94 3.41 41.43 17.53
N ILE C 95 3.60 40.12 17.51
CA ILE C 95 2.69 39.16 18.12
C ILE C 95 2.70 39.36 19.63
N GLN C 96 1.54 39.69 20.19
CA GLN C 96 1.45 39.97 21.62
C GLN C 96 0.13 39.43 22.16
N LEU C 97 0.12 39.13 23.46
CA LEU C 97 -1.00 38.47 24.12
C LEU C 97 -2.02 39.51 24.56
N VAL C 98 -3.30 39.18 24.41
CA VAL C 98 -4.36 40.11 24.80
C VAL C 98 -5.21 39.50 25.91
N SER C 99 -5.40 38.18 25.90
CA SER C 99 -6.14 37.52 26.97
C SER C 99 -5.68 36.07 27.09
N SER C 100 -5.59 35.60 28.33
CA SER C 100 -5.43 34.17 28.64
C SER C 100 -6.18 33.94 29.96
N THR C 101 -7.43 33.59 29.82
CA THR C 101 -8.23 32.99 30.86
C THR C 101 -8.66 31.61 30.37
N PRO C 102 -8.94 30.69 31.29
CA PRO C 102 -9.27 29.32 30.89
C PRO C 102 -10.21 29.19 29.71
N HIS C 103 -10.97 30.23 29.39
CA HIS C 103 -12.00 30.13 28.38
C HIS C 103 -11.75 30.97 27.14
N GLU C 104 -10.57 31.58 26.99
CA GLU C 104 -10.36 32.49 25.87
C GLU C 104 -8.87 32.69 25.64
N LEU C 105 -8.48 32.76 24.38
CA LEU C 105 -7.12 33.08 24.00
C LEU C 105 -7.21 34.14 22.92
N SER C 106 -6.60 35.29 23.19
CA SER C 106 -6.69 36.44 22.30
C SER C 106 -5.31 37.05 22.18
N ILE C 107 -4.85 37.24 20.94
CA ILE C 107 -3.51 37.73 20.62
C ILE C 107 -3.64 38.86 19.62
N SER C 108 -2.60 39.69 19.52
CA SER C 108 -2.60 40.82 18.58
C SER C 108 -1.28 40.84 17.80
N ILE C 109 -1.37 40.96 16.49
CA ILE C 109 -0.21 41.01 15.62
C ILE C 109 -0.10 42.44 15.11
N SER C 110 0.82 43.21 15.69
CA SER C 110 0.96 44.62 15.37
C SER C 110 1.69 44.78 14.05
N ASN C 111 1.43 45.93 13.41
CA ASN C 111 2.12 46.32 12.19
C ASN C 111 2.03 45.23 11.11
N VAL C 112 0.79 44.82 10.82
CA VAL C 112 0.54 43.70 9.92
C VAL C 112 1.04 44.01 8.51
N ALA C 113 1.49 42.96 7.82
CA ALA C 113 2.03 43.07 6.47
C ALA C 113 1.41 41.99 5.61
N LEU C 114 1.43 42.18 4.30
CA LEU C 114 0.77 41.24 3.40
C LEU C 114 1.18 39.79 3.64
N ALA C 115 2.37 39.56 4.18
CA ALA C 115 2.85 38.22 4.49
C ALA C 115 2.31 37.69 5.80
N ASP C 116 1.29 38.33 6.36
CA ASP C 116 0.62 37.87 7.57
C ASP C 116 -0.81 37.45 7.29
N GLU C 117 -1.13 37.17 6.03
CA GLU C 117 -2.46 36.74 5.66
C GLU C 117 -2.62 35.24 5.86
N GLY C 118 -3.86 34.81 5.97
CA GLY C 118 -4.15 33.39 5.93
C GLY C 118 -4.82 32.83 7.16
N GLU C 119 -4.70 31.52 7.33
CA GLU C 119 -5.50 30.74 8.27
C GLU C 119 -4.73 30.51 9.58
N TYR C 120 -5.22 31.10 10.67
CA TYR C 120 -4.67 30.87 11.99
C TYR C 120 -5.54 29.86 12.71
N THR C 121 -4.91 28.85 13.29
CA THR C 121 -5.60 27.71 13.86
C THR C 121 -5.67 27.86 15.37
N CYS C 122 -6.89 27.98 15.89
CA CYS C 122 -7.13 27.81 17.32
C CYS C 122 -7.31 26.34 17.60
N SER C 123 -6.56 25.83 18.57
CA SER C 123 -6.67 24.43 18.95
C SER C 123 -6.97 24.40 20.43
N ILE C 124 -7.91 23.54 20.82
CA ILE C 124 -8.15 23.20 22.22
C ILE C 124 -7.74 21.74 22.40
N PHE C 125 -6.96 21.46 23.45
CA PHE C 125 -6.27 20.18 23.53
C PHE C 125 -7.01 19.15 24.36
N THR C 126 -8.32 19.11 24.14
CA THR C 126 -9.16 18.04 24.63
C THR C 126 -8.94 16.82 23.76
N MET C 127 -9.73 15.78 24.01
CA MET C 127 -9.72 14.59 23.17
C MET C 127 -11.12 14.38 22.60
N PRO C 128 -11.26 14.43 21.26
CA PRO C 128 -10.19 14.69 20.30
C PRO C 128 -9.82 16.17 20.28
N VAL C 129 -8.65 16.48 19.70
CA VAL C 129 -8.25 17.87 19.61
C VAL C 129 -9.17 18.56 18.61
N ARG C 130 -9.88 19.58 19.08
CA ARG C 130 -10.81 20.33 18.25
C ARG C 130 -10.16 21.64 17.84
N THR C 131 -10.35 22.02 16.57
CA THR C 131 -9.68 23.16 15.96
C THR C 131 -10.71 24.17 15.49
N ALA C 132 -10.25 25.40 15.33
CA ALA C 132 -11.05 26.52 14.84
C ALA C 132 -10.13 27.46 14.07
N LYS C 133 -10.50 27.79 12.84
CA LYS C 133 -9.68 28.54 11.90
C LYS C 133 -10.18 29.98 11.75
N SER C 134 -9.23 30.90 11.58
CA SER C 134 -9.51 32.32 11.35
C SER C 134 -8.69 32.79 10.15
N LEU C 135 -9.34 33.50 9.24
CA LEU C 135 -8.77 33.86 7.95
C LEU C 135 -8.49 35.36 7.95
N VAL C 136 -7.23 35.71 8.11
CA VAL C 136 -6.84 37.11 8.10
C VAL C 136 -6.74 37.58 6.66
N THR C 137 -7.38 38.71 6.36
CA THR C 137 -7.27 39.38 5.08
C THR C 137 -6.65 40.74 5.32
N VAL C 138 -5.72 41.13 4.45
CA VAL C 138 -4.95 42.36 4.60
C VAL C 138 -5.31 43.33 3.49
N LEU C 139 -5.62 44.56 3.85
CA LEU C 139 -5.98 45.60 2.92
C LEU C 139 -4.81 46.54 2.71
N GLY C 140 -4.68 47.06 1.49
CA GLY C 140 -3.52 47.81 1.07
C GLY C 140 -2.49 46.91 0.43
N ILE C 141 -1.41 47.55 -0.01
CA ILE C 141 -0.23 46.86 -0.52
C ILE C 141 0.98 47.70 -0.19
C1 NAG D . 10.98 25.73 29.05
C2 NAG D . 11.51 26.90 29.89
C3 NAG D . 12.80 26.48 30.61
C4 NAG D . 12.52 25.22 31.41
C5 NAG D . 12.09 24.09 30.45
C6 NAG D . 10.81 23.42 30.89
C7 NAG D . 10.74 29.01 28.93
C8 NAG D . 11.08 30.18 28.06
N2 NAG D . 11.70 28.09 29.08
O3 NAG D . 13.23 27.55 31.44
O4 NAG D . 13.56 24.69 32.22
O5 NAG D . 11.89 24.59 29.12
O6 NAG D . 11.02 22.25 31.66
O7 NAG D . 9.64 28.88 29.45
C1 NAG D . 14.43 25.46 33.12
C2 NAG D . 14.42 25.05 34.64
C3 NAG D . 15.85 24.93 35.20
C4 NAG D . 16.81 24.08 34.38
C5 NAG D . 16.48 24.13 32.90
C6 NAG D . 15.83 22.91 32.31
C7 NAG D . 12.57 26.68 35.16
C8 NAG D . 12.06 27.60 36.23
N2 NAG D . 13.68 25.99 35.47
O3 NAG D . 15.81 24.44 36.54
O4 NAG D . 17.91 24.97 34.18
O5 NAG D . 15.74 25.30 32.57
O6 NAG D . 16.42 22.62 31.06
O7 NAG D . 11.98 26.54 34.09
C1 FUC D . 10.91 22.49 33.06
C2 FUC D . 9.51 22.07 33.57
C3 FUC D . 9.33 20.53 33.49
C4 FUC D . 10.52 19.86 34.10
C5 FUC D . 11.76 20.36 33.38
C6 FUC D . 13.05 19.69 33.79
O2 FUC D . 8.45 22.73 32.88
O3 FUC D . 8.21 20.17 34.25
O4 FUC D . 10.59 20.24 35.47
O5 FUC D . 11.90 21.74 33.65
#